data_6QEQ
#
_entry.id   6QEQ
#
_cell.length_a   48.848
_cell.length_b   61.482
_cell.length_c   89.117
_cell.angle_alpha   90.000
_cell.angle_beta   100.970
_cell.angle_gamma   90.000
#
_symmetry.space_group_name_H-M   'P 1 21 1'
#
loop_
_entity.id
_entity.type
_entity.pdbx_description
1 polymer PcfF
2 water water
#
_entity_poly.entity_id   1
_entity_poly.type   'polypeptide(L)'
_entity_poly.pdbx_seq_one_letter_code
;(MSE)ENKQKLKRPIQRIVRLSEEENNLIKRKIEESFFPNFQNFALHLLIQGEIRHVDYSELNRLTTEIHKIGININQ
(MSE)ARLANQFHEISSEDIKDLTDKVQSLNALVQSELNKLIKRKDQS
;
_entity_poly.pdbx_strand_id   A,B,C,D
#
# COMPACT_ATOMS: atom_id res chain seq x y z
N LEU A 7 -40.05 6.49 -6.22
CA LEU A 7 -39.65 7.77 -6.81
C LEU A 7 -38.66 8.58 -5.93
N LYS A 8 -37.38 8.57 -6.28
CA LYS A 8 -36.34 9.11 -5.42
C LYS A 8 -36.48 10.64 -5.23
N ARG A 9 -36.93 11.36 -6.29
CA ARG A 9 -36.96 12.83 -6.30
C ARG A 9 -38.33 13.31 -6.73
N PRO A 10 -39.27 13.33 -5.82
CA PRO A 10 -40.64 13.71 -6.19
C PRO A 10 -40.95 15.18 -5.99
N ILE A 11 -39.92 16.03 -5.82
CA ILE A 11 -40.16 17.46 -5.75
C ILE A 11 -39.38 18.08 -6.92
N GLN A 12 -39.96 19.07 -7.52
CA GLN A 12 -39.34 19.81 -8.63
C GLN A 12 -39.42 21.26 -8.27
N ARG A 13 -38.29 21.97 -8.43
CA ARG A 13 -38.32 23.44 -8.43
C ARG A 13 -37.93 23.95 -9.81
N ILE A 14 -38.46 25.09 -10.15
CA ILE A 14 -38.33 25.69 -11.46
C ILE A 14 -37.52 26.97 -11.38
N VAL A 15 -36.62 27.16 -12.35
CA VAL A 15 -35.84 28.36 -12.45
C VAL A 15 -36.24 28.90 -13.81
N ARG A 16 -36.63 30.19 -13.81
CA ARG A 16 -36.85 30.90 -15.10
C ARG A 16 -35.63 31.68 -15.57
N LEU A 17 -35.29 31.56 -16.85
CA LEU A 17 -34.13 32.18 -17.44
C LEU A 17 -34.51 32.97 -18.68
N SER A 18 -33.79 34.01 -18.93
CA SER A 18 -33.68 34.54 -20.30
C SER A 18 -32.83 33.69 -21.18
N GLU A 19 -33.02 33.92 -22.48
CA GLU A 19 -32.19 33.20 -23.44
C GLU A 19 -30.71 33.43 -23.15
N GLU A 20 -30.32 34.69 -22.82
CA GLU A 20 -28.85 34.93 -22.61
C GLU A 20 -28.36 34.28 -21.30
N GLU A 21 -29.14 34.33 -20.24
CA GLU A 21 -28.77 33.64 -18.99
C GLU A 21 -28.70 32.13 -19.21
N ASN A 22 -29.66 31.58 -19.93
CA ASN A 22 -29.64 30.15 -20.30
C ASN A 22 -28.45 29.76 -21.13
N ASN A 23 -28.06 30.58 -22.13
CA ASN A 23 -26.86 30.29 -22.89
C ASN A 23 -25.59 30.33 -22.07
N LEU A 24 -25.52 31.27 -21.09
CA LEU A 24 -24.39 31.32 -20.14
C LEU A 24 -24.32 30.03 -19.33
N ILE A 25 -25.43 29.61 -18.77
CA ILE A 25 -25.47 28.37 -17.97
C ILE A 25 -25.06 27.14 -18.81
N LYS A 26 -25.49 27.07 -20.07
CA LYS A 26 -25.05 25.98 -20.93
C LYS A 26 -23.57 25.96 -21.06
N ARG A 27 -22.95 27.11 -21.29
CA ARG A 27 -21.46 27.06 -21.36
C ARG A 27 -20.88 26.59 -20.05
N LYS A 28 -21.47 26.96 -18.93
CA LYS A 28 -20.90 26.47 -17.67
C LYS A 28 -21.03 24.94 -17.52
N ILE A 29 -22.18 24.42 -17.89
CA ILE A 29 -22.43 22.97 -17.78
C ILE A 29 -21.41 22.22 -18.65
N GLU A 30 -21.13 22.75 -19.84
CA GLU A 30 -20.05 22.15 -20.64
C GLU A 30 -18.68 22.20 -19.95
N GLU A 31 -18.36 23.28 -19.21
CA GLU A 31 -17.07 23.42 -18.53
C GLU A 31 -16.96 22.57 -17.28
N SER A 32 -18.04 21.97 -16.80
CA SER A 32 -18.03 21.16 -15.59
C SER A 32 -17.94 19.68 -15.98
N PHE A 33 -17.76 18.85 -14.99
CA PHE A 33 -17.72 17.44 -15.25
C PHE A 33 -19.10 16.83 -15.15
N PHE A 34 -20.22 17.74 -15.04
CA PHE A 34 -21.57 17.18 -14.95
C PHE A 34 -22.21 17.04 -16.34
N PRO A 35 -22.95 15.96 -16.60
CA PRO A 35 -23.51 15.80 -17.96
C PRO A 35 -24.60 16.80 -18.32
N ASN A 36 -25.43 17.26 -17.38
CA ASN A 36 -26.65 17.95 -17.74
C ASN A 36 -27.01 18.93 -16.65
N PHE A 37 -28.07 19.69 -16.88
CA PHE A 37 -28.51 20.74 -16.00
C PHE A 37 -28.92 20.22 -14.63
N GLN A 38 -29.57 19.05 -14.57
CA GLN A 38 -30.04 18.49 -13.31
C GLN A 38 -28.87 18.30 -12.38
N ASN A 39 -27.80 17.69 -12.90
CA ASN A 39 -26.72 17.29 -12.00
C ASN A 39 -25.86 18.46 -11.65
N PHE A 40 -25.77 19.41 -12.58
CA PHE A 40 -25.10 20.66 -12.33
C PHE A 40 -25.82 21.52 -11.29
N ALA A 41 -27.10 21.75 -11.47
CA ALA A 41 -27.84 22.59 -10.52
C ALA A 41 -27.88 21.95 -9.15
N LEU A 42 -28.19 20.67 -9.09
CA LEU A 42 -28.33 20.01 -7.79
C LEU A 42 -27.04 20.24 -7.01
N HIS A 43 -25.90 20.10 -7.64
CA HIS A 43 -24.66 20.22 -6.88
C HIS A 43 -24.40 21.66 -6.52
N LEU A 44 -24.50 22.52 -7.49
CA LEU A 44 -24.21 23.91 -7.25
C LEU A 44 -25.17 24.58 -6.27
N LEU A 45 -26.48 24.29 -6.35
CA LEU A 45 -27.43 24.95 -5.42
C LEU A 45 -27.33 24.44 -3.97
N ILE A 46 -26.97 23.18 -3.78
CA ILE A 46 -26.80 22.67 -2.43
C ILE A 46 -25.40 22.95 -1.88
N GLN A 47 -24.34 22.66 -2.64
CA GLN A 47 -22.97 22.90 -2.12
C GLN A 47 -22.52 24.35 -2.29
N GLY A 48 -23.11 25.08 -3.20
CA GLY A 48 -22.65 26.43 -3.35
C GLY A 48 -21.45 26.63 -4.23
N GLU A 49 -20.83 25.57 -4.77
CA GLU A 49 -19.65 25.62 -5.63
C GLU A 49 -19.61 24.29 -6.38
N ILE A 50 -18.81 24.23 -7.45
CA ILE A 50 -18.46 22.98 -8.11
C ILE A 50 -16.95 22.91 -8.12
N ARG A 51 -16.39 21.86 -7.55
CA ARG A 51 -14.95 21.69 -7.45
C ARG A 51 -14.66 20.32 -8.02
N HIS A 52 -13.90 20.25 -9.10
N HIS A 52 -13.88 20.25 -9.09
CA HIS A 52 -13.47 18.97 -9.65
CA HIS A 52 -13.48 18.95 -9.64
C HIS A 52 -12.04 18.80 -9.16
C HIS A 52 -12.04 18.74 -9.22
N VAL A 53 -11.78 17.76 -8.36
CA VAL A 53 -10.45 17.53 -7.77
C VAL A 53 -9.85 16.29 -8.44
N ASP A 54 -8.63 16.42 -8.90
CA ASP A 54 -7.92 15.30 -9.48
C ASP A 54 -6.78 14.95 -8.51
N TYR A 55 -6.94 13.83 -7.83
CA TYR A 55 -5.97 13.35 -6.83
C TYR A 55 -4.88 12.49 -7.48
N SER A 56 -4.91 12.36 -8.82
CA SER A 56 -4.04 11.44 -9.59
C SER A 56 -2.59 11.53 -9.15
N GLU A 57 -2.02 12.73 -9.17
CA GLU A 57 -0.59 12.84 -8.89
C GLU A 57 -0.30 12.50 -7.44
N LEU A 58 -1.19 12.88 -6.55
CA LEU A 58 -1.02 12.49 -5.15
C LEU A 58 -1.08 10.97 -4.98
N ASN A 59 -2.01 10.28 -5.63
CA ASN A 59 -1.95 8.81 -5.49
C ASN A 59 -0.71 8.22 -6.15
N ARG A 60 -0.18 8.84 -7.21
CA ARG A 60 1.06 8.30 -7.78
C ARG A 60 2.18 8.39 -6.76
N LEU A 61 2.18 9.44 -5.97
CA LEU A 61 3.17 9.57 -4.91
C LEU A 61 3.01 8.48 -3.86
N THR A 62 1.79 8.31 -3.33
CA THR A 62 1.65 7.35 -2.23
C THR A 62 1.84 5.92 -2.74
N THR A 63 1.50 5.66 -4.00
CA THR A 63 1.72 4.31 -4.55
C THR A 63 3.22 3.99 -4.64
N GLU A 64 4.02 4.93 -5.11
CA GLU A 64 5.49 4.77 -5.11
C GLU A 64 6.03 4.49 -3.72
N ILE A 65 5.55 5.22 -2.71
CA ILE A 65 6.05 4.99 -1.36
C ILE A 65 5.61 3.62 -0.90
N HIS A 66 4.43 3.21 -1.32
CA HIS A 66 3.95 1.89 -0.93
C HIS A 66 4.85 0.81 -1.52
N LYS A 67 5.18 0.95 -2.82
CA LYS A 67 6.04 -0.03 -3.50
C LYS A 67 7.42 -0.12 -2.82
N ILE A 68 7.98 1.01 -2.45
CA ILE A 68 9.27 0.97 -1.78
C ILE A 68 9.10 0.21 -0.50
N GLY A 69 7.95 0.34 0.13
CA GLY A 69 7.77 -0.33 1.43
C GLY A 69 7.71 -1.84 1.26
N ILE A 70 7.17 -2.28 0.14
CA ILE A 70 7.08 -3.72 -0.12
C ILE A 70 8.49 -4.29 -0.27
N ASN A 71 9.28 -3.61 -1.06
CA ASN A 71 10.63 -4.07 -1.35
C ASN A 71 11.44 -4.11 -0.09
N ILE A 72 11.27 -3.09 0.75
CA ILE A 72 12.01 -3.04 2.01
C ILE A 72 11.60 -4.19 2.92
N ASN A 73 10.29 -4.47 3.03
CA ASN A 73 9.83 -5.62 3.82
C ASN A 73 10.35 -6.95 3.27
N GLN A 74 10.40 -7.12 1.97
CA GLN A 74 10.94 -8.35 1.43
C GLN A 74 12.37 -8.56 1.92
N ALA A 76 13.93 -6.97 4.65
CA ALA A 76 14.02 -7.18 6.08
C ALA A 76 13.69 -8.60 6.42
N ARG A 77 12.62 -9.15 5.81
CA ARG A 77 12.19 -10.51 6.11
C ARG A 77 13.33 -11.50 5.83
N LEU A 78 13.90 -11.40 4.62
CA LEU A 78 15.04 -12.24 4.21
C LEU A 78 16.20 -12.13 5.20
N ALA A 79 16.50 -10.91 5.63
CA ALA A 79 17.59 -10.64 6.54
C ALA A 79 17.43 -11.39 7.85
N ASN A 80 16.23 -11.91 8.15
CA ASN A 80 16.01 -12.71 9.36
C ASN A 80 16.61 -14.09 9.20
N GLN A 81 17.02 -14.46 8.00
CA GLN A 81 17.63 -15.76 7.79
C GLN A 81 19.17 -15.78 8.02
N PHE A 82 19.76 -14.66 8.44
CA PHE A 82 21.19 -14.50 8.54
C PHE A 82 21.51 -14.04 9.94
N HIS A 83 22.27 -14.84 10.68
CA HIS A 83 22.58 -14.52 12.07
C HIS A 83 23.55 -13.35 12.22
N GLU A 84 24.32 -13.02 11.18
CA GLU A 84 25.27 -11.91 11.24
C GLU A 84 24.58 -10.55 11.20
N ILE A 85 23.29 -10.50 10.87
CA ILE A 85 22.56 -9.24 10.73
C ILE A 85 21.73 -9.09 11.99
N SER A 86 21.90 -7.98 12.71
CA SER A 86 21.30 -7.85 14.04
C SER A 86 19.78 -7.82 13.96
N SER A 87 19.13 -8.56 14.85
CA SER A 87 17.68 -8.53 14.91
C SER A 87 17.16 -7.15 15.28
N GLU A 88 17.96 -6.34 15.95
CA GLU A 88 17.61 -4.98 16.31
C GLU A 88 18.20 -3.94 15.35
N ASP A 89 18.83 -4.36 14.26
CA ASP A 89 19.16 -3.43 13.18
C ASP A 89 18.21 -3.53 11.99
N ILE A 90 17.53 -4.69 11.87
CA ILE A 90 16.34 -4.85 11.04
C ILE A 90 15.18 -4.07 11.65
N LYS A 91 15.06 -4.07 12.97
CA LYS A 91 14.02 -3.26 13.61
C LYS A 91 14.22 -1.77 13.27
N ASP A 92 15.47 -1.29 13.27
CA ASP A 92 15.82 0.10 12.99
C ASP A 92 15.64 0.50 11.54
N LEU A 93 15.50 -0.47 10.64
CA LEU A 93 15.06 -0.18 9.28
C LEU A 93 13.54 -0.18 9.19
N THR A 94 12.86 -1.09 9.87
CA THR A 94 11.39 -1.15 9.79
C THR A 94 10.76 0.06 10.48
N ASP A 95 11.37 0.56 11.55
CA ASP A 95 10.86 1.75 12.19
C ASP A 95 10.90 2.93 11.22
N LYS A 96 12.07 3.18 10.60
CA LYS A 96 12.21 4.30 9.68
C LYS A 96 11.30 4.22 8.45
N VAL A 97 10.76 3.05 8.11
CA VAL A 97 9.76 2.97 7.05
C VAL A 97 8.40 3.41 7.57
N GLN A 98 8.00 2.95 8.75
CA GLN A 98 6.77 3.44 9.34
C GLN A 98 6.91 4.91 9.77
N SER A 99 8.09 5.33 10.20
CA SER A 99 8.24 6.76 10.48
C SER A 99 8.14 7.58 9.20
N LEU A 100 8.39 6.99 8.04
CA LEU A 100 8.21 7.70 6.77
C LEU A 100 6.78 7.65 6.31
N ASN A 101 6.10 6.52 6.50
CA ASN A 101 4.68 6.49 6.18
C ASN A 101 3.92 7.53 6.99
N ALA A 102 4.26 7.65 8.27
CA ALA A 102 3.62 8.65 9.12
C ALA A 102 3.73 10.03 8.50
N LEU A 103 4.98 10.48 8.26
CA LEU A 103 5.22 11.79 7.63
C LEU A 103 4.43 11.94 6.34
N VAL A 104 4.54 10.95 5.46
CA VAL A 104 3.88 11.07 4.17
C VAL A 104 2.40 11.29 4.35
N GLN A 105 1.78 10.59 5.30
CA GLN A 105 0.33 10.69 5.41
C GLN A 105 -0.09 12.02 6.05
N SER A 106 0.44 12.35 7.21
CA SER A 106 0.06 13.59 7.87
C SER A 106 0.38 14.80 7.00
N GLU A 107 1.65 14.97 6.61
CA GLU A 107 2.12 16.12 5.83
C GLU A 107 1.35 16.27 4.52
N LEU A 108 0.76 15.18 4.01
CA LEU A 108 -0.03 15.26 2.80
C LEU A 108 -1.46 15.67 3.10
N ASN A 109 -1.96 15.34 4.28
CA ASN A 109 -3.23 15.93 4.70
C ASN A 109 -3.11 17.43 4.93
N LYS A 110 -2.00 17.93 5.45
CA LYS A 110 -1.85 19.38 5.54
C LYS A 110 -1.94 20.02 4.17
N LEU A 111 -1.61 19.27 3.11
CA LEU A 111 -1.66 19.77 1.74
C LEU A 111 -3.09 19.73 1.23
N ILE A 112 -3.83 18.69 1.59
CA ILE A 112 -5.19 18.61 1.13
C ILE A 112 -6.08 19.65 1.80
N LYS A 113 -5.68 20.19 2.96
CA LYS A 113 -6.45 21.26 3.58
C LYS A 113 -6.14 22.61 2.92
N ARG A 114 -4.86 22.93 2.77
CA ARG A 114 -4.45 24.12 2.00
C ARG A 114 -4.89 24.07 0.53
N LYS A 115 -5.63 23.05 0.10
CA LYS A 115 -6.16 23.00 -1.25
C LYS A 115 -7.67 22.95 -1.27
N ASP A 116 -8.31 22.62 -0.15
CA ASP A 116 -9.77 22.62 -0.10
C ASP A 116 -10.33 23.99 0.29
N GLN A 117 -9.48 24.91 0.73
CA GLN A 117 -9.91 26.24 1.11
C GLN A 117 -10.71 26.92 -0.01
N LYS B 8 35.79 -9.99 -1.43
CA LYS B 8 37.06 -10.71 -1.67
C LYS B 8 37.07 -12.08 -1.02
N ARG B 9 37.24 -13.08 -1.88
CA ARG B 9 37.30 -14.49 -1.51
C ARG B 9 38.46 -15.11 -2.24
N PRO B 10 39.68 -14.93 -1.74
CA PRO B 10 40.80 -15.64 -2.34
C PRO B 10 40.79 -17.15 -2.08
N ILE B 11 39.79 -17.70 -1.38
CA ILE B 11 39.84 -19.09 -0.86
C ILE B 11 38.78 -19.92 -1.57
N GLN B 12 39.22 -21.00 -2.17
CA GLN B 12 38.32 -21.98 -2.77
C GLN B 12 38.55 -23.33 -2.09
N ARG B 13 37.50 -23.87 -1.53
CA ARG B 13 37.55 -25.21 -1.00
C ARG B 13 36.82 -26.16 -1.92
N ILE B 14 37.37 -27.29 -2.09
CA ILE B 14 36.83 -28.31 -2.98
C ILE B 14 36.08 -29.35 -2.17
N VAL B 15 34.81 -29.61 -2.50
CA VAL B 15 34.03 -30.69 -1.92
C VAL B 15 34.01 -31.81 -2.92
N ARG B 16 34.20 -33.05 -2.48
CA ARG B 16 34.16 -34.18 -3.36
C ARG B 16 32.82 -34.84 -3.15
N LEU B 17 32.16 -35.18 -4.27
CA LEU B 17 30.88 -35.85 -4.30
C LEU B 17 30.92 -37.07 -5.19
N SER B 18 30.03 -37.98 -4.86
CA SER B 18 29.65 -38.98 -5.84
C SER B 18 28.60 -38.43 -6.77
N GLU B 19 28.38 -39.14 -7.87
CA GLU B 19 27.35 -38.78 -8.82
C GLU B 19 25.96 -38.68 -8.16
N GLU B 20 25.58 -39.69 -7.36
CA GLU B 20 24.27 -39.71 -6.69
C GLU B 20 24.18 -38.61 -5.63
N GLU B 21 25.26 -38.33 -4.90
CA GLU B 21 25.26 -37.16 -3.99
C GLU B 21 25.07 -35.85 -4.73
N ASN B 22 25.76 -35.66 -5.81
CA ASN B 22 25.61 -34.44 -6.60
C ASN B 22 24.22 -34.33 -7.22
N ASN B 23 23.60 -35.46 -7.61
CA ASN B 23 22.24 -35.33 -8.09
C ASN B 23 21.27 -34.97 -7.00
N LEU B 24 21.48 -35.47 -5.79
CA LEU B 24 20.60 -35.13 -4.68
C LEU B 24 20.75 -33.67 -4.33
N ILE B 25 21.99 -33.20 -4.25
CA ILE B 25 22.23 -31.81 -3.97
C ILE B 25 21.64 -30.90 -5.06
N LYS B 26 21.71 -31.26 -6.34
CA LYS B 26 21.08 -30.44 -7.34
C LYS B 26 19.58 -30.32 -7.10
N ARG B 27 18.94 -31.38 -6.65
CA ARG B 27 17.48 -31.26 -6.41
C ARG B 27 17.20 -30.35 -5.25
N LYS B 28 18.05 -30.39 -4.25
CA LYS B 28 17.84 -29.56 -3.08
C LYS B 28 18.04 -28.07 -3.39
N ILE B 29 18.97 -27.78 -4.27
CA ILE B 29 19.22 -26.40 -4.66
C ILE B 29 17.98 -25.86 -5.38
N GLU B 30 17.36 -26.71 -6.18
CA GLU B 30 16.11 -26.35 -6.89
C GLU B 30 14.96 -26.17 -5.89
N GLU B 31 14.79 -27.13 -5.00
CA GLU B 31 13.69 -27.09 -4.01
C GLU B 31 13.82 -25.96 -3.00
N SER B 32 15.03 -25.50 -2.68
CA SER B 32 15.16 -24.36 -1.75
C SER B 32 15.24 -22.99 -2.47
N PHE B 33 15.17 -22.93 -3.79
CA PHE B 33 15.28 -21.68 -4.55
C PHE B 33 16.61 -20.96 -4.30
N PHE B 34 17.64 -21.72 -4.22
CA PHE B 34 18.89 -21.02 -4.34
C PHE B 34 19.31 -20.99 -5.80
N PRO B 35 20.21 -20.09 -6.18
CA PRO B 35 20.54 -19.96 -7.60
C PRO B 35 21.56 -20.91 -8.04
N ASN B 36 22.32 -21.47 -7.10
CA ASN B 36 23.46 -22.26 -7.51
C ASN B 36 24.11 -22.88 -6.27
N PHE B 37 25.19 -23.63 -6.55
CA PHE B 37 25.85 -24.42 -5.49
C PHE B 37 26.60 -23.52 -4.52
N GLN B 38 27.34 -22.55 -5.07
CA GLN B 38 28.08 -21.59 -4.27
C GLN B 38 27.20 -21.01 -3.18
N ASN B 39 26.01 -20.50 -3.52
CA ASN B 39 25.25 -19.86 -2.46
C ASN B 39 24.54 -20.82 -1.55
N PHE B 40 24.07 -21.95 -2.08
CA PHE B 40 23.46 -22.98 -1.23
C PHE B 40 24.48 -23.50 -0.23
N ALA B 41 25.65 -23.84 -0.70
CA ALA B 41 26.67 -24.36 0.21
C ALA B 41 27.11 -23.33 1.22
N LEU B 42 27.55 -22.14 0.75
CA LEU B 42 27.98 -21.14 1.71
C LEU B 42 26.91 -20.90 2.76
N HIS B 43 25.64 -20.84 2.38
CA HIS B 43 24.59 -20.57 3.36
C HIS B 43 24.48 -21.70 4.44
N LEU B 44 24.56 -22.98 4.03
CA LEU B 44 24.50 -24.05 5.00
C LEU B 44 25.76 -24.03 5.87
N LEU B 45 26.90 -23.71 5.26
CA LEU B 45 28.16 -23.71 6.06
C LEU B 45 28.15 -22.61 7.11
N ILE B 46 27.58 -21.44 6.79
CA ILE B 46 27.58 -20.34 7.72
C ILE B 46 26.38 -20.40 8.66
N GLN B 47 25.16 -20.58 8.13
CA GLN B 47 24.00 -20.53 8.98
C GLN B 47 23.67 -21.88 9.61
N GLY B 48 24.12 -23.00 9.01
CA GLY B 48 23.85 -24.33 9.57
C GLY B 48 22.54 -24.95 9.14
N GLU B 49 21.70 -24.22 8.44
CA GLU B 49 20.43 -24.76 7.99
C GLU B 49 19.95 -23.83 6.88
N ILE B 50 18.89 -24.26 6.18
CA ILE B 50 18.25 -23.40 5.18
C ILE B 50 16.76 -23.32 5.58
N ARG B 51 16.21 -22.08 5.68
CA ARG B 51 14.77 -21.81 5.76
C ARG B 51 14.33 -21.22 4.41
N HIS B 52 13.34 -21.84 3.78
CA HIS B 52 12.70 -21.29 2.61
C HIS B 52 11.30 -20.82 3.03
N VAL B 53 11.08 -19.51 3.03
CA VAL B 53 9.83 -18.93 3.56
C VAL B 53 9.08 -18.36 2.39
N ASP B 54 7.82 -18.80 2.22
CA ASP B 54 6.98 -18.33 1.12
C ASP B 54 5.97 -17.35 1.75
N TYR B 55 6.14 -16.06 1.53
CA TYR B 55 5.27 -15.07 2.15
C TYR B 55 4.05 -14.70 1.30
N SER B 56 3.80 -15.40 0.17
CA SER B 56 2.86 -14.86 -0.83
C SER B 56 1.45 -14.71 -0.26
N GLU B 57 0.97 -15.64 0.58
CA GLU B 57 -0.39 -15.54 1.13
C GLU B 57 -0.49 -14.42 2.15
N LEU B 58 0.59 -14.11 2.85
CA LEU B 58 0.55 -13.00 3.78
C LEU B 58 0.54 -11.69 3.00
N ASN B 59 1.27 -11.65 1.92
CA ASN B 59 1.29 -10.45 1.09
C ASN B 59 -0.07 -10.28 0.36
N ARG B 60 -0.72 -11.39 0.01
CA ARG B 60 -2.04 -11.30 -0.60
C ARG B 60 -3.02 -10.73 0.39
N LEU B 61 -2.80 -10.99 1.69
CA LEU B 61 -3.66 -10.41 2.73
C LEU B 61 -3.42 -8.91 2.77
N THR B 62 -2.16 -8.51 2.86
CA THR B 62 -1.93 -7.09 3.09
C THR B 62 -2.27 -6.31 1.83
N THR B 63 -2.10 -6.93 0.64
CA THR B 63 -2.47 -6.25 -0.62
C THR B 63 -4.00 -5.99 -0.69
N GLU B 64 -4.80 -6.95 -0.28
CA GLU B 64 -6.27 -6.75 -0.22
C GLU B 64 -6.69 -5.63 0.73
N ILE B 65 -6.15 -5.61 1.94
CA ILE B 65 -6.36 -4.51 2.86
C ILE B 65 -5.96 -3.20 2.22
N HIS B 66 -4.82 -3.19 1.55
CA HIS B 66 -4.38 -1.93 0.92
C HIS B 66 -5.37 -1.46 -0.17
N LYS B 67 -5.84 -2.39 -1.00
CA LYS B 67 -6.81 -2.05 -2.05
C LYS B 67 -8.11 -1.56 -1.46
N ILE B 68 -8.50 -2.13 -0.33
CA ILE B 68 -9.70 -1.61 0.33
C ILE B 68 -9.46 -0.18 0.80
N GLY B 69 -8.30 0.10 1.38
CA GLY B 69 -7.98 1.46 1.81
C GLY B 69 -7.92 2.46 0.68
N ILE B 70 -7.51 2.03 -0.50
CA ILE B 70 -7.55 2.97 -1.64
C ILE B 70 -9.00 3.39 -1.95
N ASN B 71 -9.89 2.43 -2.12
CA ASN B 71 -11.32 2.71 -2.35
C ASN B 71 -11.93 3.55 -1.26
N ILE B 72 -11.56 3.30 0.00
CA ILE B 72 -12.19 4.09 1.07
C ILE B 72 -11.72 5.51 1.00
N ASN B 73 -10.45 5.70 0.72
CA ASN B 73 -9.94 7.06 0.62
C ASN B 73 -10.56 7.80 -0.54
N GLN B 74 -10.83 7.12 -1.62
CA GLN B 74 -11.46 7.80 -2.74
C GLN B 74 -12.88 8.27 -2.36
N ALA B 76 -13.89 8.90 0.78
CA ALA B 76 -13.79 9.88 1.87
C ALA B 76 -13.45 11.25 1.30
N ARG B 77 -12.56 11.27 0.30
CA ARG B 77 -12.22 12.51 -0.40
C ARG B 77 -13.43 13.08 -1.16
N LEU B 78 -14.19 12.22 -1.83
CA LEU B 78 -15.36 12.68 -2.55
C LEU B 78 -16.39 13.23 -1.54
N ALA B 79 -16.51 12.60 -0.37
CA ALA B 79 -17.42 13.09 0.67
C ALA B 79 -17.09 14.51 1.09
N ASN B 80 -15.81 14.93 0.99
CA ASN B 80 -15.44 16.25 1.42
C ASN B 80 -16.10 17.33 0.55
N GLN B 81 -16.74 16.96 -0.54
CA GLN B 81 -17.40 17.89 -1.40
C GLN B 81 -18.89 18.01 -1.08
N PHE B 82 -19.39 17.21 -0.15
CA PHE B 82 -20.81 17.16 0.20
C PHE B 82 -20.86 17.71 1.60
N HIS B 83 -21.15 19.01 1.70
CA HIS B 83 -21.10 19.72 2.97
C HIS B 83 -22.10 19.19 3.97
N GLU B 84 -23.11 18.47 3.48
CA GLU B 84 -24.06 17.83 4.40
C GLU B 84 -23.46 16.64 5.14
N ILE B 85 -22.24 16.20 4.82
CA ILE B 85 -21.57 15.07 5.47
C ILE B 85 -20.57 15.71 6.40
N SER B 86 -20.71 15.49 7.71
CA SER B 86 -19.86 16.22 8.60
C SER B 86 -18.41 15.76 8.48
N SER B 87 -17.48 16.70 8.67
CA SER B 87 -16.05 16.37 8.62
C SER B 87 -15.72 15.31 9.65
N GLU B 88 -16.39 15.41 10.82
CA GLU B 88 -16.13 14.49 11.93
C GLU B 88 -16.44 13.05 11.55
N ASP B 89 -17.51 12.85 10.78
CA ASP B 89 -17.86 11.50 10.35
C ASP B 89 -16.87 10.98 9.33
N ILE B 90 -16.40 11.83 8.43
CA ILE B 90 -15.37 11.40 7.48
C ILE B 90 -14.08 11.10 8.22
N LYS B 91 -13.76 11.93 9.22
CA LYS B 91 -12.52 11.68 9.97
C LYS B 91 -12.58 10.36 10.75
N ASP B 92 -13.74 10.04 11.32
CA ASP B 92 -13.87 8.77 12.05
C ASP B 92 -13.65 7.57 11.09
N LEU B 93 -14.17 7.67 9.86
CA LEU B 93 -13.92 6.61 8.89
C LEU B 93 -12.42 6.43 8.62
N THR B 94 -11.74 7.49 8.24
CA THR B 94 -10.36 7.35 7.85
C THR B 94 -9.49 7.01 9.07
N ASP B 95 -9.91 7.44 10.26
CA ASP B 95 -9.28 7.02 11.52
C ASP B 95 -9.34 5.53 11.67
N LYS B 96 -10.49 4.94 11.36
CA LYS B 96 -10.58 3.51 11.53
C LYS B 96 -9.73 2.78 10.50
N VAL B 97 -9.61 3.31 9.29
CA VAL B 97 -8.75 2.62 8.32
C VAL B 97 -7.35 2.52 8.90
N GLN B 98 -6.87 3.60 9.51
CA GLN B 98 -5.55 3.57 10.14
C GLN B 98 -5.49 2.59 11.31
N SER B 99 -6.52 2.56 12.17
CA SER B 99 -6.55 1.53 13.21
C SER B 99 -6.47 0.14 12.62
N LEU B 100 -7.11 -0.05 11.47
CA LEU B 100 -7.07 -1.34 10.80
C LEU B 100 -5.66 -1.65 10.34
N ASN B 101 -5.04 -0.73 9.61
CA ASN B 101 -3.69 -1.00 9.11
C ASN B 101 -2.74 -1.21 10.25
N ALA B 102 -2.85 -0.40 11.31
CA ALA B 102 -1.96 -0.60 12.46
C ALA B 102 -2.16 -1.99 13.07
N LEU B 103 -3.41 -2.39 13.30
CA LEU B 103 -3.70 -3.72 13.83
C LEU B 103 -3.17 -4.81 12.93
N VAL B 104 -3.35 -4.66 11.62
CA VAL B 104 -2.94 -5.71 10.70
C VAL B 104 -1.43 -5.87 10.75
N GLN B 105 -0.69 -4.78 10.63
CA GLN B 105 0.77 -4.92 10.62
C GLN B 105 1.31 -5.37 11.98
N SER B 106 0.69 -4.97 13.08
CA SER B 106 1.22 -5.33 14.38
C SER B 106 1.01 -6.80 14.68
N GLU B 107 -0.18 -7.32 14.39
CA GLU B 107 -0.47 -8.73 14.66
C GLU B 107 0.23 -9.65 13.68
N LEU B 108 0.36 -9.23 12.42
CA LEU B 108 1.13 -10.06 11.48
C LEU B 108 2.59 -10.14 11.90
N ASN B 109 3.20 -9.01 12.19
CA ASN B 109 4.55 -9.03 12.75
C ASN B 109 4.62 -9.99 13.92
N LYS B 110 3.60 -10.01 14.78
CA LYS B 110 3.58 -10.97 15.86
C LYS B 110 3.56 -12.40 15.35
N LEU B 111 2.87 -12.65 14.24
CA LEU B 111 2.80 -14.00 13.70
C LEU B 111 4.13 -14.41 13.09
N ILE B 112 4.68 -13.56 12.22
CA ILE B 112 5.92 -13.86 11.53
C ILE B 112 6.96 -14.36 12.54
N LYS B 113 7.10 -13.66 13.67
CA LYS B 113 8.11 -14.04 14.63
C LYS B 113 7.70 -15.27 15.42
N ARG B 114 6.39 -15.46 15.68
CA ARG B 114 5.96 -16.74 16.21
C ARG B 114 6.31 -17.89 15.28
N LYS B 115 6.20 -17.68 13.98
CA LYS B 115 6.63 -18.72 13.05
C LYS B 115 8.15 -18.86 13.04
N ASP B 116 8.88 -17.74 13.05
CA ASP B 116 10.34 -17.80 12.97
C ASP B 116 10.94 -18.44 14.22
N GLN B 117 10.30 -18.25 15.38
CA GLN B 117 10.82 -18.79 16.62
C GLN B 117 10.71 -20.31 16.64
N SER B 118 9.77 -20.87 15.90
CA SER B 118 9.65 -22.32 15.80
C SER B 118 10.50 -22.90 14.67
N LEU C 7 -42.35 37.84 -22.38
CA LEU C 7 -41.79 37.58 -21.05
C LEU C 7 -40.28 37.78 -21.04
N LYS C 8 -39.78 38.32 -19.92
CA LYS C 8 -38.36 38.55 -19.83
C LYS C 8 -37.56 37.24 -19.76
N ARG C 9 -38.12 36.21 -19.09
CA ARG C 9 -37.46 34.91 -18.85
C ARG C 9 -38.42 33.80 -19.27
N PRO C 10 -38.52 33.52 -20.52
CA PRO C 10 -39.48 32.49 -20.92
C PRO C 10 -38.92 31.08 -20.81
N ILE C 11 -37.62 30.88 -20.58
CA ILE C 11 -37.10 29.51 -20.51
C ILE C 11 -37.32 29.00 -19.10
N GLN C 12 -37.84 27.79 -18.98
CA GLN C 12 -38.06 27.19 -17.65
C GLN C 12 -37.17 25.97 -17.51
N ARG C 13 -36.34 25.94 -16.49
CA ARG C 13 -35.51 24.77 -16.18
C ARG C 13 -35.95 24.12 -14.87
N ILE C 14 -35.93 22.79 -14.82
CA ILE C 14 -36.39 22.06 -13.64
C ILE C 14 -35.20 21.50 -12.91
N VAL C 15 -35.21 21.58 -11.60
CA VAL C 15 -34.32 20.78 -10.77
C VAL C 15 -35.16 19.84 -9.93
N ARG C 16 -34.87 18.58 -10.02
CA ARG C 16 -35.56 17.58 -9.24
C ARG C 16 -34.80 17.32 -7.95
N LEU C 17 -35.57 17.13 -6.88
CA LEU C 17 -35.10 17.04 -5.50
C LEU C 17 -35.74 15.94 -4.69
N SER C 18 -34.93 15.33 -3.84
CA SER C 18 -35.44 14.53 -2.73
C SER C 18 -35.93 15.40 -1.59
N GLU C 19 -36.62 14.78 -0.64
CA GLU C 19 -37.23 15.58 0.42
C GLU C 19 -36.12 16.26 1.23
N GLU C 20 -35.03 15.55 1.48
CA GLU C 20 -33.93 16.15 2.24
C GLU C 20 -33.22 17.23 1.44
N GLU C 21 -33.04 16.99 0.14
CA GLU C 21 -32.38 17.99 -0.71
C GLU C 21 -33.25 19.21 -0.76
N ASN C 22 -34.54 19.00 -0.84
CA ASN C 22 -35.40 20.20 -0.85
C ASN C 22 -35.25 20.96 0.45
N ASN C 23 -35.21 20.27 1.58
CA ASN C 23 -35.08 21.00 2.86
C ASN C 23 -33.72 21.75 2.98
N LEU C 24 -32.64 21.17 2.44
CA LEU C 24 -31.36 21.88 2.35
C LEU C 24 -31.49 23.16 1.53
N ILE C 25 -32.11 23.07 0.35
CA ILE C 25 -32.36 24.25 -0.47
C ILE C 25 -33.11 25.28 0.31
N LYS C 26 -34.05 24.85 1.14
CA LYS C 26 -34.82 25.89 1.79
C LYS C 26 -33.91 26.62 2.78
N ARG C 27 -33.02 25.88 3.45
CA ARG C 27 -32.16 26.55 4.41
C ARG C 27 -31.22 27.52 3.67
N LYS C 28 -30.71 27.12 2.49
CA LYS C 28 -29.79 27.97 1.73
C LYS C 28 -30.47 29.23 1.26
N ILE C 29 -31.72 29.13 0.85
CA ILE C 29 -32.45 30.35 0.52
C ILE C 29 -32.49 31.28 1.70
N GLU C 30 -32.84 30.75 2.88
CA GLU C 30 -33.00 31.60 4.05
C GLU C 30 -31.67 32.22 4.45
N GLU C 31 -30.58 31.48 4.32
CA GLU C 31 -29.28 32.03 4.65
C GLU C 31 -28.75 32.97 3.55
N SER C 32 -29.39 33.01 2.41
CA SER C 32 -28.93 33.85 1.35
C SER C 32 -29.49 35.29 1.46
N PHE C 33 -29.06 36.11 0.50
CA PHE C 33 -29.48 37.49 0.45
C PHE C 33 -30.81 37.61 -0.24
N PHE C 34 -31.29 36.52 -0.81
CA PHE C 34 -32.41 36.60 -1.72
C PHE C 34 -33.71 36.16 -1.04
N PRO C 35 -34.78 36.76 -1.40
CA PRO C 35 -36.07 36.41 -0.81
C PRO C 35 -36.66 35.04 -1.22
N ASN C 36 -36.51 34.64 -2.47
CA ASN C 36 -37.15 33.44 -3.03
C ASN C 36 -36.18 32.58 -3.83
N PHE C 37 -36.63 31.38 -4.16
CA PHE C 37 -35.83 30.45 -4.92
C PHE C 37 -35.35 31.02 -6.24
N GLN C 38 -36.27 31.72 -6.96
CA GLN C 38 -35.97 32.16 -8.31
C GLN C 38 -34.72 32.96 -8.28
N ASN C 39 -34.65 33.87 -7.33
CA ASN C 39 -33.59 34.87 -7.34
C ASN C 39 -32.35 34.26 -6.74
N PHE C 40 -32.53 33.34 -5.78
CA PHE C 40 -31.38 32.65 -5.21
C PHE C 40 -30.68 31.81 -6.27
N ALA C 41 -31.46 31.05 -7.02
CA ALA C 41 -31.00 30.08 -8.00
C ALA C 41 -30.42 30.78 -9.20
N LEU C 42 -31.14 31.78 -9.69
CA LEU C 42 -30.56 32.59 -10.77
C LEU C 42 -29.18 33.11 -10.43
N HIS C 43 -29.01 33.70 -9.27
CA HIS C 43 -27.71 34.28 -8.89
C HIS C 43 -26.63 33.20 -8.76
N LEU C 44 -26.98 32.09 -8.19
CA LEU C 44 -25.97 31.12 -7.92
C LEU C 44 -25.56 30.35 -9.18
N LEU C 45 -26.49 30.11 -10.10
CA LEU C 45 -26.18 29.41 -11.35
C LEU C 45 -25.31 30.28 -12.22
N ILE C 46 -25.51 31.58 -12.13
CA ILE C 46 -24.75 32.53 -12.92
C ILE C 46 -23.41 32.81 -12.27
N GLN C 47 -23.39 32.96 -10.95
CA GLN C 47 -22.16 33.32 -10.26
C GLN C 47 -21.27 32.10 -9.92
N GLY C 48 -21.82 30.91 -9.72
CA GLY C 48 -21.07 29.73 -9.38
C GLY C 48 -20.05 29.46 -10.47
N GLU C 49 -18.77 29.43 -10.16
CA GLU C 49 -17.73 29.14 -11.13
C GLU C 49 -17.14 27.77 -10.78
N ILE C 50 -16.90 26.99 -11.82
CA ILE C 50 -16.37 25.66 -11.64
C ILE C 50 -14.89 25.80 -11.30
N ARG C 51 -14.42 25.01 -10.35
CA ARG C 51 -13.02 25.10 -10.00
C ARG C 51 -12.37 23.75 -10.33
N HIS C 52 -11.21 23.78 -11.00
CA HIS C 52 -10.45 22.55 -11.28
C HIS C 52 -9.24 22.50 -10.36
N VAL C 53 -9.02 21.34 -9.75
CA VAL C 53 -7.99 21.22 -8.72
C VAL C 53 -7.22 19.94 -9.01
N ASP C 54 -5.90 20.04 -9.02
CA ASP C 54 -5.08 18.83 -9.16
C ASP C 54 -3.87 18.96 -8.26
N TYR C 55 -3.09 17.88 -8.20
CA TYR C 55 -1.94 17.84 -7.30
C TYR C 55 -0.62 17.73 -8.08
N SER C 56 -0.60 18.30 -9.28
CA SER C 56 0.61 18.30 -10.12
C SER C 56 1.80 18.96 -9.45
N GLU C 57 1.60 19.86 -8.47
CA GLU C 57 2.77 20.37 -7.75
C GLU C 57 3.60 19.26 -7.09
N LEU C 58 3.08 18.05 -6.90
CA LEU C 58 3.84 16.95 -6.32
C LEU C 58 4.67 16.19 -7.35
N ASN C 59 4.55 16.53 -8.63
CA ASN C 59 5.12 15.71 -9.69
C ASN C 59 6.64 15.67 -9.54
N ARG C 60 7.23 16.78 -9.15
CA ARG C 60 8.67 16.83 -8.98
C ARG C 60 9.09 15.89 -7.86
N LEU C 61 8.38 15.92 -6.74
CA LEU C 61 8.73 15.01 -5.65
C LEU C 61 8.49 13.55 -6.05
N THR C 62 7.37 13.29 -6.71
CA THR C 62 7.09 11.93 -7.12
C THR C 62 8.24 11.37 -7.97
N THR C 63 8.82 12.21 -8.82
CA THR C 63 9.82 11.73 -9.77
C THR C 63 11.14 11.40 -9.07
N GLU C 64 11.51 12.18 -8.03
CA GLU C 64 12.72 11.93 -7.23
C GLU C 64 12.55 10.71 -6.31
N ILE C 65 11.39 10.56 -5.68
CA ILE C 65 11.13 9.31 -4.96
C ILE C 65 11.27 8.13 -5.91
N HIS C 66 10.70 8.26 -7.12
CA HIS C 66 10.67 7.14 -8.06
C HIS C 66 12.07 6.61 -8.36
N LYS C 67 13.02 7.49 -8.62
CA LYS C 67 14.34 6.96 -8.92
C LYS C 67 15.01 6.37 -7.68
N ILE C 68 14.72 6.88 -6.48
CA ILE C 68 15.15 6.13 -5.32
C ILE C 68 14.49 4.76 -5.39
N GLY C 69 13.25 4.72 -5.88
CA GLY C 69 12.53 3.46 -5.94
C GLY C 69 13.25 2.41 -6.77
N ILE C 70 13.75 2.82 -7.93
CA ILE C 70 14.32 1.85 -8.88
C ILE C 70 15.59 1.25 -8.30
N ASN C 71 16.35 2.03 -7.53
CA ASN C 71 17.52 1.47 -6.85
C ASN C 71 17.10 0.44 -5.82
N ILE C 72 16.20 0.83 -4.91
CA ILE C 72 15.73 -0.11 -3.90
C ILE C 72 15.10 -1.30 -4.59
N ASN C 73 14.45 -1.08 -5.73
CA ASN C 73 13.85 -2.17 -6.49
C ASN C 73 14.92 -3.14 -7.03
N GLN C 74 15.99 -2.64 -7.64
CA GLN C 74 16.94 -3.60 -8.17
C GLN C 74 17.71 -4.32 -7.06
N ALA C 76 16.36 -5.32 -4.36
CA ALA C 76 15.41 -6.37 -3.99
C ALA C 76 15.41 -7.53 -4.97
N ARG C 77 15.47 -7.23 -6.28
CA ARG C 77 15.48 -8.29 -7.29
C ARG C 77 16.73 -9.13 -7.12
N LEU C 78 17.87 -8.45 -6.88
CA LEU C 78 19.15 -9.12 -6.73
C LEU C 78 19.20 -9.93 -5.43
N ALA C 79 18.74 -9.34 -4.31
CA ALA C 79 18.68 -10.13 -3.10
C ALA C 79 17.87 -11.40 -3.30
N ASN C 80 16.80 -11.31 -4.07
CA ASN C 80 15.89 -12.44 -4.18
C ASN C 80 16.47 -13.50 -5.10
N GLN C 81 17.20 -13.10 -6.17
CA GLN C 81 17.77 -14.06 -7.12
C GLN C 81 19.03 -14.70 -6.57
N PHE C 82 19.74 -14.07 -5.66
CA PHE C 82 20.88 -14.72 -5.06
C PHE C 82 20.61 -15.21 -3.65
N HIS C 83 19.45 -14.85 -3.08
CA HIS C 83 19.12 -15.28 -1.73
C HIS C 83 20.22 -14.89 -0.76
N GLU C 84 20.79 -13.70 -0.92
CA GLU C 84 21.70 -13.19 0.10
C GLU C 84 21.43 -11.71 0.37
N ILE C 85 21.62 -11.31 1.62
CA ILE C 85 21.54 -9.91 2.03
C ILE C 85 22.53 -9.75 3.15
N SER C 86 23.19 -8.59 3.20
CA SER C 86 24.22 -8.33 4.19
C SER C 86 23.77 -7.22 5.15
N SER C 87 24.43 -7.18 6.30
CA SER C 87 24.12 -6.16 7.29
C SER C 87 24.46 -4.77 6.77
N GLU C 88 25.45 -4.68 5.86
CA GLU C 88 25.76 -3.44 5.14
C GLU C 88 24.61 -3.02 4.22
N ASP C 89 23.97 -3.97 3.54
CA ASP C 89 22.80 -3.63 2.77
C ASP C 89 21.69 -3.09 3.67
N ILE C 90 21.61 -3.55 4.90
CA ILE C 90 20.48 -3.14 5.74
C ILE C 90 20.65 -1.70 6.17
N LYS C 91 21.79 -1.35 6.72
CA LYS C 91 21.92 0.03 7.13
C LYS C 91 21.92 0.97 5.92
N ASP C 92 22.49 0.52 4.78
CA ASP C 92 22.42 1.30 3.55
C ASP C 92 20.98 1.58 3.16
N LEU C 93 20.10 0.59 3.32
CA LEU C 93 18.67 0.84 3.16
C LEU C 93 18.20 1.89 4.15
N THR C 94 18.60 1.73 5.40
CA THR C 94 18.10 2.63 6.41
C THR C 94 18.41 4.06 6.01
N ASP C 95 19.63 4.28 5.50
CA ASP C 95 20.03 5.62 5.06
C ASP C 95 19.21 6.08 3.87
N LYS C 96 18.92 5.19 2.93
CA LYS C 96 18.04 5.57 1.84
C LYS C 96 16.65 5.96 2.36
N VAL C 97 16.20 5.29 3.43
CA VAL C 97 14.88 5.55 4.00
C VAL C 97 14.83 6.93 4.67
N GLN C 98 15.85 7.25 5.46
CA GLN C 98 15.90 8.57 6.10
C GLN C 98 16.17 9.69 5.11
N SER C 99 16.73 9.38 3.95
CA SER C 99 16.89 10.36 2.88
C SER C 99 15.57 10.62 2.14
N LEU C 100 14.72 9.59 1.99
CA LEU C 100 13.37 9.83 1.53
C LEU C 100 12.61 10.70 2.53
N ASN C 101 12.82 10.46 3.82
CA ASN C 101 12.16 11.31 4.80
C ASN C 101 12.59 12.77 4.62
N ALA C 102 13.84 12.98 4.23
CA ALA C 102 14.33 14.33 3.97
C ALA C 102 13.73 14.90 2.69
N LEU C 103 13.73 14.12 1.60
CA LEU C 103 13.21 14.60 0.34
C LEU C 103 11.74 14.97 0.45
N VAL C 104 11.04 14.38 1.41
CA VAL C 104 9.60 14.64 1.51
C VAL C 104 9.33 15.94 2.27
N GLN C 105 9.89 16.09 3.48
CA GLN C 105 9.71 17.34 4.21
C GLN C 105 10.18 18.53 3.38
N SER C 106 11.28 18.37 2.63
CA SER C 106 11.88 19.45 1.84
C SER C 106 10.98 19.88 0.67
N GLU C 107 10.65 18.94 -0.22
CA GLU C 107 9.85 19.28 -1.40
C GLU C 107 8.41 19.61 -1.04
N LEU C 108 7.98 19.35 0.19
CA LEU C 108 6.64 19.71 0.62
C LEU C 108 6.60 21.03 1.36
N ASN C 109 7.68 21.43 2.04
CA ASN C 109 7.79 22.80 2.51
C ASN C 109 7.89 23.78 1.34
N LYS C 110 8.60 23.37 0.29
CA LYS C 110 8.70 24.18 -0.91
C LYS C 110 7.33 24.63 -1.39
N LEU C 111 6.33 23.78 -1.20
CA LEU C 111 4.97 24.13 -1.53
C LEU C 111 4.41 24.87 -0.31
N LYS D 4 45.10 -46.26 -11.65
CA LYS D 4 45.61 -46.76 -10.39
C LYS D 4 44.46 -47.04 -9.44
N GLN D 5 43.84 -45.98 -8.94
CA GLN D 5 42.73 -46.09 -8.02
C GLN D 5 41.73 -44.97 -8.31
N LYS D 6 40.46 -45.34 -8.36
CA LYS D 6 39.34 -44.43 -8.56
C LYS D 6 38.71 -44.10 -7.20
N LEU D 7 38.35 -42.85 -7.00
CA LEU D 7 37.70 -42.41 -5.78
C LEU D 7 36.21 -42.75 -5.80
N LYS D 8 35.66 -43.08 -4.62
CA LYS D 8 34.20 -43.12 -4.47
C LYS D 8 33.55 -41.78 -4.75
N ARG D 9 34.26 -40.65 -4.58
CA ARG D 9 33.69 -39.30 -4.76
C ARG D 9 34.57 -38.49 -5.69
N PRO D 10 34.38 -38.64 -7.01
CA PRO D 10 35.27 -38.00 -7.97
C PRO D 10 34.81 -36.65 -8.48
N ILE D 11 33.61 -36.19 -8.18
CA ILE D 11 33.13 -34.90 -8.65
C ILE D 11 33.67 -33.85 -7.69
N GLN D 12 34.19 -32.77 -8.23
CA GLN D 12 34.72 -31.65 -7.47
C GLN D 12 33.83 -30.42 -7.64
N ARG D 13 33.29 -29.96 -6.50
CA ARG D 13 32.41 -28.77 -6.40
C ARG D 13 33.13 -27.74 -5.55
N ILE D 14 33.32 -26.52 -6.07
CA ILE D 14 34.01 -25.46 -5.37
C ILE D 14 33.06 -24.67 -4.50
N VAL D 15 33.49 -24.38 -3.28
CA VAL D 15 32.89 -23.31 -2.46
C VAL D 15 33.93 -22.21 -2.31
N ARG D 16 33.55 -20.94 -2.65
CA ARG D 16 34.43 -19.78 -2.47
C ARG D 16 34.14 -19.11 -1.14
N LEU D 17 35.21 -18.75 -0.40
CA LEU D 17 35.12 -18.26 0.97
C LEU D 17 35.99 -17.03 1.14
N SER D 18 35.51 -16.08 1.96
CA SER D 18 36.35 -14.99 2.43
C SER D 18 37.26 -15.52 3.56
N GLU D 19 38.29 -14.73 3.94
CA GLU D 19 39.16 -15.16 5.03
C GLU D 19 38.34 -15.47 6.28
N GLU D 20 37.43 -14.56 6.63
CA GLU D 20 36.71 -14.69 7.88
C GLU D 20 35.71 -15.85 7.84
N GLU D 21 35.03 -16.02 6.71
CA GLU D 21 34.14 -17.16 6.56
C GLU D 21 34.90 -18.47 6.77
N ASN D 22 36.13 -18.53 6.26
CA ASN D 22 36.92 -19.74 6.38
C ASN D 22 37.33 -19.95 7.82
N ASN D 23 37.66 -18.86 8.51
CA ASN D 23 38.05 -18.94 9.91
C ASN D 23 36.85 -19.42 10.74
N LEU D 24 35.68 -18.85 10.49
CA LEU D 24 34.48 -19.29 11.17
C LEU D 24 34.18 -20.76 10.89
N ILE D 25 34.27 -21.19 9.64
CA ILE D 25 33.97 -22.56 9.35
C ILE D 25 34.99 -23.49 10.05
N LYS D 26 36.25 -23.09 10.11
CA LYS D 26 37.25 -23.95 10.81
C LYS D 26 36.90 -24.13 12.29
N ARG D 27 36.45 -23.08 12.93
CA ARG D 27 35.97 -23.16 14.31
C ARG D 27 34.76 -24.07 14.41
N LYS D 28 33.84 -24.00 13.45
CA LYS D 28 32.69 -24.89 13.48
C LYS D 28 33.14 -26.33 13.39
N ILE D 29 34.10 -26.59 12.52
CA ILE D 29 34.58 -27.93 12.36
C ILE D 29 35.09 -28.47 13.69
N GLU D 30 35.78 -27.63 14.48
CA GLU D 30 36.36 -28.04 15.76
C GLU D 30 35.30 -28.37 16.83
N GLU D 31 34.11 -27.80 16.76
CA GLU D 31 33.06 -28.11 17.72
C GLU D 31 32.08 -29.15 17.14
N SER D 32 32.40 -29.72 16.00
CA SER D 32 31.51 -30.65 15.32
C SER D 32 31.95 -32.07 15.49
N PHE D 33 31.08 -33.01 15.16
CA PHE D 33 31.49 -34.41 15.18
C PHE D 33 32.10 -34.88 13.87
N PHE D 34 32.46 -33.94 13.00
CA PHE D 34 33.15 -34.37 11.79
C PHE D 34 34.63 -33.98 11.83
N PRO D 35 35.51 -34.84 11.35
CA PRO D 35 36.95 -34.54 11.50
C PRO D 35 37.43 -33.36 10.66
N ASN D 36 36.76 -32.99 9.55
CA ASN D 36 37.41 -32.14 8.56
C ASN D 36 36.37 -31.46 7.68
N PHE D 37 36.79 -30.54 6.84
CA PHE D 37 35.84 -29.78 6.01
C PHE D 37 35.06 -30.66 5.06
N GLN D 38 35.76 -31.54 4.38
CA GLN D 38 35.10 -32.53 3.51
C GLN D 38 33.89 -33.20 4.15
N ASN D 39 34.04 -33.76 5.33
CA ASN D 39 32.95 -34.56 5.89
C ASN D 39 31.88 -33.62 6.49
N PHE D 40 32.35 -32.46 7.00
CA PHE D 40 31.43 -31.47 7.58
C PHE D 40 30.51 -30.96 6.50
N ALA D 41 31.11 -30.57 5.39
CA ALA D 41 30.37 -29.99 4.27
C ALA D 41 29.45 -31.00 3.66
N LEU D 42 29.93 -32.21 3.45
CA LEU D 42 29.07 -33.24 2.84
C LEU D 42 27.84 -33.51 3.66
N HIS D 43 28.04 -33.61 4.94
CA HIS D 43 26.93 -33.82 5.84
C HIS D 43 25.90 -32.72 5.74
N LEU D 44 26.35 -31.46 5.74
CA LEU D 44 25.34 -30.38 5.64
C LEU D 44 24.70 -30.39 4.29
N LEU D 45 25.44 -30.64 3.21
CA LEU D 45 24.83 -30.62 1.89
C LEU D 45 23.80 -31.72 1.70
N ILE D 46 24.06 -32.88 2.25
CA ILE D 46 23.18 -34.04 1.98
C ILE D 46 22.05 -34.15 3.01
N GLN D 47 22.32 -33.74 4.23
CA GLN D 47 21.44 -33.97 5.34
C GLN D 47 21.06 -32.72 6.11
N GLY D 48 21.51 -31.53 5.66
CA GLY D 48 21.25 -30.34 6.45
C GLY D 48 19.76 -30.01 6.37
N GLU D 49 19.23 -29.51 7.46
CA GLU D 49 17.76 -29.31 7.53
C GLU D 49 17.35 -28.27 6.51
N ILE D 50 16.32 -28.57 5.71
CA ILE D 50 15.74 -27.58 4.78
C ILE D 50 14.27 -27.43 5.18
N ARG D 51 13.91 -26.30 5.76
CA ARG D 51 12.54 -26.11 6.26
C ARG D 51 11.79 -25.23 5.27
N HIS D 52 10.53 -25.63 4.95
CA HIS D 52 9.65 -24.85 4.08
C HIS D 52 8.52 -24.29 4.96
N VAL D 53 8.41 -22.96 4.96
CA VAL D 53 7.47 -22.22 5.79
C VAL D 53 6.58 -21.45 4.85
N ASP D 54 5.26 -21.48 5.13
CA ASP D 54 4.34 -20.69 4.33
C ASP D 54 3.26 -20.11 5.24
N TYR D 55 2.42 -19.25 4.69
CA TYR D 55 1.37 -18.57 5.48
C TYR D 55 -0.02 -18.92 4.96
N SER D 56 -0.24 -20.17 4.55
CA SER D 56 -1.51 -20.62 3.97
C SER D 56 -2.61 -20.69 5.00
N GLU D 57 -2.25 -20.71 6.28
CA GLU D 57 -3.27 -20.60 7.31
C GLU D 57 -4.00 -19.25 7.25
N LEU D 58 -3.45 -18.24 6.55
CA LEU D 58 -4.12 -16.95 6.41
C LEU D 58 -5.11 -16.92 5.26
N ASN D 59 -5.29 -18.03 4.52
CA ASN D 59 -6.10 -18.00 3.30
C ASN D 59 -7.60 -17.84 3.58
N ARG D 60 -8.09 -18.36 4.71
CA ARG D 60 -9.48 -18.10 5.10
C ARG D 60 -9.72 -16.61 5.31
N LEU D 61 -8.95 -16.01 6.24
CA LEU D 61 -9.04 -14.57 6.47
C LEU D 61 -8.93 -13.80 5.17
N THR D 62 -7.99 -14.16 4.32
CA THR D 62 -7.83 -13.38 3.11
C THR D 62 -9.09 -13.42 2.24
N THR D 63 -9.69 -14.60 2.09
CA THR D 63 -10.85 -14.72 1.21
C THR D 63 -12.08 -14.07 1.84
N GLU D 64 -12.20 -14.11 3.18
CA GLU D 64 -13.17 -13.31 3.90
C GLU D 64 -12.96 -11.83 3.62
N ILE D 65 -11.75 -11.32 3.86
CA ILE D 65 -11.47 -9.92 3.55
C ILE D 65 -11.81 -9.61 2.11
N HIS D 66 -11.41 -10.47 1.19
CA HIS D 66 -11.68 -10.19 -0.21
C HIS D 66 -13.16 -9.92 -0.42
N LYS D 67 -14.03 -10.66 0.25
CA LYS D 67 -15.46 -10.49 -0.02
C LYS D 67 -15.93 -9.13 0.43
N ILE D 68 -15.54 -8.71 1.64
CA ILE D 68 -15.86 -7.35 2.05
C ILE D 68 -15.31 -6.38 1.01
N GLY D 69 -14.11 -6.63 0.51
CA GLY D 69 -13.50 -5.73 -0.44
C GLY D 69 -14.32 -5.53 -1.70
N ILE D 70 -14.86 -6.62 -2.26
CA ILE D 70 -15.62 -6.48 -3.51
C ILE D 70 -16.85 -5.57 -3.28
N ASN D 71 -17.50 -5.69 -2.12
N ASN D 71 -17.51 -5.73 -2.13
CA ASN D 71 -18.60 -4.77 -1.80
CA ASN D 71 -18.59 -4.81 -1.76
C ASN D 71 -18.12 -3.35 -1.80
C ASN D 71 -18.11 -3.38 -1.81
N ILE D 72 -17.03 -3.10 -1.06
CA ILE D 72 -16.46 -1.76 -1.04
C ILE D 72 -16.13 -1.29 -2.42
N ASN D 73 -15.52 -2.14 -3.24
CA ASN D 73 -15.08 -1.68 -4.55
C ASN D 73 -16.30 -1.37 -5.41
N GLN D 74 -17.40 -2.09 -5.21
CA GLN D 74 -18.58 -1.77 -6.01
C GLN D 74 -19.17 -0.44 -5.57
N ALA D 76 -17.49 2.01 -4.52
CA ALA D 76 -16.62 3.07 -5.02
C ALA D 76 -16.83 3.32 -6.51
N ARG D 77 -17.10 2.27 -7.28
CA ARG D 77 -17.31 2.48 -8.69
C ARG D 77 -18.60 3.23 -8.93
N LEU D 78 -19.64 2.89 -8.16
CA LEU D 78 -20.90 3.63 -8.25
C LEU D 78 -20.70 5.08 -7.89
N ALA D 79 -20.04 5.33 -6.76
CA ALA D 79 -19.80 6.69 -6.31
C ALA D 79 -19.08 7.51 -7.36
N ASN D 80 -18.00 6.98 -7.96
CA ASN D 80 -17.32 7.67 -9.06
C ASN D 80 -18.21 7.75 -10.31
N GLN D 81 -18.98 6.71 -10.59
CA GLN D 81 -19.85 6.75 -11.77
C GLN D 81 -20.81 7.94 -11.72
N PHE D 82 -21.48 8.13 -10.59
CA PHE D 82 -22.52 9.13 -10.42
C PHE D 82 -22.13 10.34 -9.59
N HIS D 83 -20.86 10.46 -9.19
CA HIS D 83 -20.38 11.60 -8.39
C HIS D 83 -21.33 11.89 -7.22
N GLU D 84 -21.61 10.86 -6.46
CA GLU D 84 -22.61 11.00 -5.42
C GLU D 84 -22.21 10.08 -4.28
N ILE D 85 -22.18 10.66 -3.08
CA ILE D 85 -21.99 9.90 -1.86
C ILE D 85 -22.81 10.60 -0.76
N SER D 86 -23.28 9.80 0.17
CA SER D 86 -24.18 10.29 1.19
C SER D 86 -23.63 10.00 2.57
N SER D 87 -24.23 10.69 3.53
CA SER D 87 -23.84 10.45 4.92
C SER D 87 -24.11 9.01 5.35
N GLU D 88 -25.12 8.36 4.75
CA GLU D 88 -25.37 6.96 5.09
C GLU D 88 -24.25 6.07 4.56
N ASP D 89 -23.75 6.39 3.38
CA ASP D 89 -22.66 5.60 2.81
C ASP D 89 -21.40 5.67 3.67
N ILE D 90 -21.06 6.89 4.15
CA ILE D 90 -19.91 7.04 5.03
C ILE D 90 -20.11 6.20 6.29
N LYS D 91 -21.29 6.26 6.86
CA LYS D 91 -21.57 5.40 7.99
C LYS D 91 -21.50 3.93 7.63
N ASP D 92 -21.95 3.52 6.43
CA ASP D 92 -21.90 2.09 6.11
C ASP D 92 -20.44 1.62 6.06
N LEU D 93 -19.60 2.43 5.42
CA LEU D 93 -18.17 2.10 5.29
C LEU D 93 -17.52 2.06 6.64
N THR D 94 -17.94 2.98 7.50
CA THR D 94 -17.43 2.97 8.86
C THR D 94 -17.77 1.66 9.57
N ASP D 95 -19.03 1.19 9.45
CA ASP D 95 -19.39 -0.15 9.97
C ASP D 95 -18.55 -1.27 9.33
N LYS D 96 -18.35 -1.25 8.02
CA LYS D 96 -17.58 -2.30 7.39
C LYS D 96 -16.14 -2.32 7.88
N VAL D 97 -15.51 -1.15 8.06
CA VAL D 97 -14.10 -1.15 8.47
C VAL D 97 -13.97 -1.68 9.90
N GLN D 98 -14.91 -1.34 10.78
CA GLN D 98 -14.82 -1.90 12.12
C GLN D 98 -15.03 -3.41 12.04
N SER D 99 -15.86 -3.86 11.11
CA SER D 99 -16.07 -5.29 10.93
C SER D 99 -14.79 -5.99 10.50
N LEU D 100 -14.02 -5.40 9.57
CA LEU D 100 -12.71 -5.92 9.25
C LEU D 100 -11.82 -5.94 10.48
N ASN D 101 -11.81 -4.88 11.25
CA ASN D 101 -10.90 -4.87 12.38
C ASN D 101 -11.21 -6.04 13.30
N ALA D 102 -12.51 -6.27 13.54
CA ALA D 102 -12.93 -7.38 14.38
C ALA D 102 -12.67 -8.72 13.71
N LEU D 103 -12.90 -8.79 12.41
CA LEU D 103 -12.63 -10.02 11.69
C LEU D 103 -11.13 -10.34 11.65
N VAL D 104 -10.26 -9.33 11.59
CA VAL D 104 -8.82 -9.61 11.67
C VAL D 104 -8.47 -10.12 13.06
N GLN D 105 -8.78 -9.33 14.09
CA GLN D 105 -8.44 -9.69 15.48
C GLN D 105 -9.07 -11.01 15.91
N SER D 106 -10.17 -11.40 15.28
CA SER D 106 -10.78 -12.70 15.57
C SER D 106 -9.99 -13.86 14.95
N GLU D 107 -9.82 -13.84 13.62
CA GLU D 107 -9.22 -14.98 12.95
C GLU D 107 -7.74 -15.12 13.23
N LEU D 108 -7.04 -13.99 13.53
CA LEU D 108 -5.62 -14.06 13.91
C LEU D 108 -5.42 -14.62 15.32
N ASN D 109 -6.23 -14.18 16.28
CA ASN D 109 -6.19 -14.79 17.60
C ASN D 109 -6.47 -16.28 17.54
N LYS D 110 -7.34 -16.71 16.62
CA LYS D 110 -7.49 -18.14 16.36
C LYS D 110 -6.12 -18.80 16.19
N LEU D 111 -5.23 -18.18 15.41
CA LEU D 111 -3.89 -18.72 15.17
C LEU D 111 -3.00 -18.40 16.36
N ILE D 112 -3.10 -19.23 17.39
CA ILE D 112 -2.22 -19.06 18.55
C ILE D 112 -2.05 -20.38 19.29
#